data_7JU3
#
_entry.id   7JU3
#
_cell.length_a   153.273
_cell.length_b   59.420
_cell.length_c   69.508
_cell.angle_alpha   90.000
_cell.angle_beta   114.310
_cell.angle_gamma   90.000
#
_symmetry.space_group_name_H-M   'C 1 2 1'
#
loop_
_entity.id
_entity.type
_entity.pdbx_description
1 polymer 'HTH-type transcriptional regulator MtrR'
2 polymer "DNA (5'-D(*TP*AP*TP*CP*CP*GP*TP*GP*CP*AP*AP*TP*CP*GP*TP*GP*TP*AP*TP*GP*T)-3')"
3 polymer "DNA (5'-D(*AP*CP*AP*TP*AP*CP*AP*CP*GP*AP*TP*TP*GP*CP*AP*CP*GP*GP*AP*TP*A)-3')"
4 non-polymer 'CALCIUM ION'
5 water water
#
loop_
_entity_poly.entity_id
_entity_poly.type
_entity_poly.pdbx_seq_one_letter_code
_entity_poly.pdbx_strand_id
1 'polypeptide(L)'
;SNAMRKTKTEALKTKEHLMLAALETFYRKGIARTSLNEIAQAAGVTRGALYWHFKNKEDLFDALFQRICDDIENCIAQDA
ADAEGGSWTVFRHTLLHFFERLQSNDIHYKFHNILFLKCEHTEQNAAVIAIARKHQAIWREKITAVLTEAVENQDLADDL
DKETAVIFIKSTLDGLIWRWFSSGESFDLGKTAPRIIGIMMDNLENHPCLRRK
;
A,B
2 'polydeoxyribonucleotide'
;(DT)(DA)(DT)(DC)(DC)(DG)(DT)(DG)(DC)(DA)(DA)(DT)(DC)(DG)(DT)(DG)(DT)(DA)(DT)(DG)
(DT)
;
C
3 'polydeoxyribonucleotide'
;(DA)(DC)(DA)(DT)(DA)(DC)(DA)(DC)(DG)(DA)(DT)(DT)(DG)(DC)(DA)(DC)(DG)(DG)(DA)(DT)
(DA)
;
D
#
# COMPACT_ATOMS: atom_id res chain seq x y z
N ALA A 11 -12.93 -23.38 30.32
CA ALA A 11 -11.56 -23.87 30.28
C ALA A 11 -10.77 -23.18 29.18
N LEU A 12 -10.95 -23.64 27.94
CA LEU A 12 -10.29 -23.08 26.78
C LEU A 12 -11.09 -21.95 26.13
N LYS A 13 -12.18 -21.51 26.77
CA LYS A 13 -12.99 -20.43 26.21
C LYS A 13 -12.39 -19.06 26.44
N THR A 14 -11.48 -18.92 27.40
CA THR A 14 -10.85 -17.63 27.67
C THR A 14 -9.64 -17.36 26.79
N LYS A 15 -8.94 -18.41 26.35
CA LYS A 15 -7.82 -18.22 25.44
C LYS A 15 -8.31 -17.74 24.07
N GLU A 16 -9.40 -18.31 23.58
CA GLU A 16 -9.97 -17.87 22.31
C GLU A 16 -10.54 -16.46 22.42
N HIS A 17 -11.14 -16.14 23.56
CA HIS A 17 -11.63 -14.78 23.78
C HIS A 17 -10.47 -13.78 23.76
N LEU A 18 -9.33 -14.15 24.35
CA LEU A 18 -8.19 -13.25 24.40
C LEU A 18 -7.60 -13.02 23.01
N MET A 19 -7.59 -14.06 22.17
CA MET A 19 -6.89 -13.95 20.89
C MET A 19 -7.65 -13.08 19.91
N LEU A 20 -8.98 -13.20 19.87
CA LEU A 20 -9.79 -12.36 18.99
C LEU A 20 -10.12 -11.01 19.61
N ALA A 21 -9.89 -10.84 20.92
CA ALA A 21 -9.87 -9.51 21.50
C ALA A 21 -8.61 -8.75 21.09
N ALA A 22 -7.53 -9.45 20.79
CA ALA A 22 -6.33 -8.80 20.27
C ALA A 22 -6.52 -8.37 18.82
N LEU A 23 -7.22 -9.18 18.03
CA LEU A 23 -7.47 -8.80 16.64
C LEU A 23 -8.30 -7.52 16.56
N GLU A 24 -9.33 -7.40 17.41
CA GLU A 24 -10.15 -6.20 17.40
C GLU A 24 -9.37 -4.99 17.90
N THR A 25 -8.61 -5.15 18.97
CA THR A 25 -7.85 -4.02 19.52
C THR A 25 -6.73 -3.60 18.58
N PHE A 26 -6.10 -4.56 17.88
CA PHE A 26 -5.09 -4.20 16.89
C PHE A 26 -5.68 -3.34 15.79
N TYR A 27 -6.93 -3.62 15.41
CA TYR A 27 -7.57 -2.90 14.31
C TYR A 27 -8.00 -1.50 14.71
N ARG A 28 -8.31 -1.27 15.98
CA ARG A 28 -8.84 0.02 16.40
C ARG A 28 -7.74 1.00 16.82
N LYS A 29 -6.71 0.51 17.51
CA LYS A 29 -5.67 1.38 18.07
C LYS A 29 -4.30 1.12 17.46
N GLY A 30 -4.21 0.37 16.37
CA GLY A 30 -2.92 -0.02 15.84
C GLY A 30 -2.37 -1.22 16.60
N ILE A 31 -1.08 -1.47 16.41
CA ILE A 31 -0.39 -2.55 17.10
C ILE A 31 0.47 -2.04 18.25
N ALA A 32 1.24 -0.98 18.00
CA ALA A 32 2.14 -0.47 19.04
C ALA A 32 1.36 0.22 20.15
N ARG A 33 0.29 0.94 19.81
CA ARG A 33 -0.42 1.75 20.79
C ARG A 33 -1.45 0.94 21.57
N THR A 34 -1.24 -0.37 21.70
CA THR A 34 -2.12 -1.22 22.49
C THR A 34 -1.31 -1.95 23.54
N SER A 35 -1.57 -1.67 24.80
CA SER A 35 -0.91 -2.40 25.89
C SER A 35 -1.52 -3.79 26.04
N LEU A 36 -0.75 -4.69 26.63
CA LEU A 36 -1.26 -6.02 26.93
C LEU A 36 -2.42 -5.97 27.92
N ASN A 37 -2.53 -4.87 28.68
CA ASN A 37 -3.67 -4.70 29.57
C ASN A 37 -4.96 -4.50 28.79
N GLU A 38 -4.92 -3.69 27.73
CA GLU A 38 -6.11 -3.42 26.94
C GLU A 38 -6.66 -4.69 26.29
N ILE A 39 -5.76 -5.54 25.77
CA ILE A 39 -6.20 -6.81 25.19
C ILE A 39 -6.89 -7.66 26.24
N ALA A 40 -6.34 -7.69 27.45
CA ALA A 40 -6.91 -8.53 28.51
C ALA A 40 -8.28 -8.02 28.95
N GLN A 41 -8.42 -6.70 29.12
CA GLN A 41 -9.69 -6.16 29.58
C GLN A 41 -10.74 -6.19 28.47
N ALA A 42 -10.33 -6.06 27.21
CA ALA A 42 -11.27 -6.27 26.10
C ALA A 42 -11.73 -7.71 26.02
N ALA A 43 -10.99 -8.64 26.61
CA ALA A 43 -11.36 -10.05 26.65
C ALA A 43 -12.02 -10.46 27.96
N GLY A 44 -12.19 -9.52 28.90
CA GLY A 44 -12.78 -9.85 30.18
C GLY A 44 -11.85 -10.54 31.15
N VAL A 45 -10.54 -10.41 30.96
CA VAL A 45 -9.56 -11.03 31.85
C VAL A 45 -8.56 -9.98 32.30
N THR A 46 -7.44 -10.41 32.86
CA THR A 46 -6.31 -9.55 33.17
C THR A 46 -5.04 -10.16 32.60
N ARG A 47 -3.91 -9.53 32.87
CA ARG A 47 -2.64 -9.97 32.31
C ARG A 47 -2.24 -11.36 32.78
N GLY A 48 -2.89 -11.90 33.82
CA GLY A 48 -2.55 -13.23 34.28
C GLY A 48 -2.93 -14.31 33.28
N ALA A 49 -4.12 -14.18 32.67
CA ALA A 49 -4.53 -15.13 31.66
C ALA A 49 -3.81 -14.90 30.33
N LEU A 50 -3.41 -13.66 30.05
CA LEU A 50 -2.70 -13.37 28.81
C LEU A 50 -1.27 -13.88 28.84
N TYR A 51 -0.56 -13.66 29.95
CA TYR A 51 0.80 -14.15 30.08
C TYR A 51 0.86 -15.66 30.26
N TRP A 52 -0.22 -16.28 30.73
CA TRP A 52 -0.24 -17.73 30.90
C TRP A 52 -0.24 -18.45 29.55
N HIS A 53 -0.86 -17.87 28.54
CA HIS A 53 -0.97 -18.50 27.23
C HIS A 53 0.04 -18.00 26.22
N PHE A 54 0.45 -16.74 26.31
CA PHE A 54 1.34 -16.14 25.32
C PHE A 54 2.55 -15.51 26.01
N LYS A 55 3.72 -15.67 25.40
CA LYS A 55 4.95 -15.18 26.00
C LYS A 55 4.96 -13.66 26.10
N ASN A 56 4.53 -12.98 25.05
CA ASN A 56 4.47 -11.52 25.03
C ASN A 56 3.53 -11.10 23.90
N LYS A 57 3.57 -9.82 23.55
CA LYS A 57 2.69 -9.32 22.50
C LYS A 57 3.06 -9.88 21.13
N GLU A 58 4.36 -10.00 20.86
CA GLU A 58 4.79 -10.57 19.57
C GLU A 58 4.39 -12.03 19.47
N ASP A 59 4.45 -12.77 20.58
CA ASP A 59 3.98 -14.15 20.58
C ASP A 59 2.48 -14.22 20.38
N LEU A 60 1.74 -13.23 20.90
CA LEU A 60 0.30 -13.19 20.68
C LEU A 60 -0.04 -12.78 19.25
N PHE A 61 0.73 -11.84 18.70
CA PHE A 61 0.50 -11.43 17.32
C PHE A 61 0.90 -12.52 16.33
N ASP A 62 1.83 -13.39 16.72
CA ASP A 62 2.26 -14.46 15.82
C ASP A 62 1.19 -15.54 15.69
N ALA A 63 0.73 -16.09 16.81
CA ALA A 63 -0.25 -17.17 16.77
C ALA A 63 -1.58 -16.70 16.19
N LEU A 64 -1.96 -15.45 16.43
CA LEU A 64 -3.23 -14.94 15.91
C LEU A 64 -3.17 -14.80 14.40
N PHE A 65 -2.12 -14.18 13.88
CA PHE A 65 -2.03 -13.90 12.44
C PHE A 65 -1.43 -15.04 11.64
N GLN A 66 -0.96 -16.10 12.28
CA GLN A 66 -0.57 -17.31 11.55
C GLN A 66 -1.74 -18.26 11.38
N ARG A 67 -2.69 -18.26 12.32
CA ARG A 67 -3.89 -19.08 12.15
C ARG A 67 -4.82 -18.49 11.09
N ILE A 68 -4.92 -17.15 11.03
CA ILE A 68 -5.76 -16.52 10.03
C ILE A 68 -5.13 -16.63 8.65
N CYS A 69 -3.81 -16.48 8.56
CA CYS A 69 -3.14 -16.53 7.27
C CYS A 69 -3.27 -17.90 6.63
N ASP A 70 -3.22 -18.96 7.44
CA ASP A 70 -3.38 -20.31 6.89
C ASP A 70 -4.81 -20.56 6.45
N ASP A 71 -5.79 -20.02 7.17
CA ASP A 71 -7.18 -20.15 6.75
C ASP A 71 -7.43 -19.40 5.44
N ILE A 72 -6.73 -18.27 5.25
CA ILE A 72 -6.84 -17.53 4.00
C ILE A 72 -6.31 -18.37 2.84
N GLU A 73 -5.24 -19.13 3.08
CA GLU A 73 -4.64 -19.94 2.03
C GLU A 73 -5.60 -21.04 1.55
N ASN A 74 -6.45 -21.56 2.43
CA ASN A 74 -7.36 -22.64 2.06
C ASN A 74 -8.57 -22.11 1.30
N CYS A 75 -9.19 -21.04 1.81
CA CYS A 75 -10.31 -20.44 1.10
C CYS A 75 -9.87 -19.88 -0.24
N ILE A 76 -8.60 -19.48 -0.37
CA ILE A 76 -8.06 -19.11 -1.67
C ILE A 76 -7.75 -20.35 -2.51
N ALA A 77 -7.63 -21.52 -1.89
CA ALA A 77 -7.44 -22.77 -2.60
C ALA A 77 -8.71 -23.61 -2.66
N GLN A 78 -9.70 -23.32 -1.82
CA GLN A 78 -10.96 -24.06 -1.88
C GLN A 78 -11.72 -23.75 -3.15
N ASP A 79 -11.96 -22.46 -3.42
CA ASP A 79 -12.72 -22.05 -4.59
C ASP A 79 -11.94 -22.30 -5.89
N ALA A 80 -10.74 -22.86 -5.77
CA ALA A 80 -9.98 -23.30 -6.93
C ALA A 80 -10.37 -24.73 -7.33
N ALA A 81 -10.24 -25.67 -6.39
CA ALA A 81 -10.69 -27.04 -6.65
C ALA A 81 -12.20 -27.14 -6.75
N ASP A 82 -12.94 -26.17 -6.18
CA ASP A 82 -14.39 -26.17 -6.32
C ASP A 82 -14.80 -25.88 -7.76
N ALA A 83 -14.18 -24.88 -8.38
CA ALA A 83 -14.57 -24.43 -9.71
C ALA A 83 -13.99 -25.35 -10.77
N GLU A 84 -14.86 -25.92 -11.60
CA GLU A 84 -14.44 -26.73 -12.74
C GLU A 84 -14.42 -25.85 -13.98
N GLY A 85 -13.32 -25.92 -14.73
CA GLY A 85 -13.15 -25.10 -15.92
C GLY A 85 -11.69 -24.79 -16.14
N GLY A 86 -11.46 -23.89 -17.11
CA GLY A 86 -10.11 -23.63 -17.56
C GLY A 86 -9.32 -22.80 -16.57
N SER A 87 -8.02 -23.07 -16.52
CA SER A 87 -7.16 -22.45 -15.53
C SER A 87 -7.32 -20.93 -15.52
N TRP A 88 -7.41 -20.32 -16.69
CA TRP A 88 -7.39 -18.87 -16.81
C TRP A 88 -8.71 -18.24 -16.41
N THR A 89 -9.82 -18.97 -16.53
CA THR A 89 -11.13 -18.48 -16.15
C THR A 89 -11.48 -18.81 -14.70
N VAL A 90 -11.04 -19.96 -14.18
CA VAL A 90 -11.25 -20.24 -12.76
C VAL A 90 -10.33 -19.41 -11.89
N PHE A 91 -9.40 -18.67 -12.50
CA PHE A 91 -8.52 -17.79 -11.73
C PHE A 91 -9.16 -16.44 -11.50
N ARG A 92 -9.90 -15.93 -12.48
CA ARG A 92 -10.64 -14.70 -12.28
C ARG A 92 -11.64 -14.84 -11.15
N HIS A 93 -12.35 -15.97 -11.08
CA HIS A 93 -13.27 -16.21 -9.98
C HIS A 93 -12.54 -16.33 -8.64
N THR A 94 -11.26 -16.73 -8.67
CA THR A 94 -10.49 -16.80 -7.43
C THR A 94 -10.25 -15.41 -6.86
N LEU A 95 -10.09 -14.39 -7.71
CA LEU A 95 -9.85 -13.05 -7.22
C LEU A 95 -11.14 -12.36 -6.81
N LEU A 96 -12.23 -12.57 -7.55
CA LEU A 96 -13.50 -11.94 -7.23
C LEU A 96 -14.03 -12.44 -5.89
N HIS A 97 -13.91 -13.75 -5.64
CA HIS A 97 -14.32 -14.28 -4.34
C HIS A 97 -13.40 -13.80 -3.22
N PHE A 98 -12.15 -13.48 -3.54
CA PHE A 98 -11.23 -12.96 -2.54
C PHE A 98 -11.64 -11.55 -2.10
N PHE A 99 -11.89 -10.67 -3.07
CA PHE A 99 -12.32 -9.32 -2.74
C PHE A 99 -13.70 -9.28 -2.11
N GLU A 100 -14.52 -10.31 -2.33
CA GLU A 100 -15.80 -10.39 -1.64
C GLU A 100 -15.60 -10.71 -0.16
N ARG A 101 -14.61 -11.55 0.16
CA ARG A 101 -14.31 -11.87 1.54
C ARG A 101 -13.73 -10.70 2.31
N LEU A 102 -13.28 -9.65 1.62
CA LEU A 102 -12.89 -8.42 2.32
C LEU A 102 -14.09 -7.69 2.91
N GLN A 103 -15.29 -7.95 2.38
CA GLN A 103 -16.52 -7.37 2.92
C GLN A 103 -17.39 -8.37 3.67
N SER A 104 -17.18 -9.67 3.47
CA SER A 104 -18.01 -10.69 4.08
C SER A 104 -17.36 -11.32 5.31
N ASN A 105 -16.04 -11.50 5.31
CA ASN A 105 -15.33 -12.13 6.41
C ASN A 105 -14.65 -11.03 7.23
N ASP A 106 -15.22 -10.74 8.41
CA ASP A 106 -14.68 -9.68 9.26
C ASP A 106 -13.25 -10.00 9.70
N ILE A 107 -12.98 -11.27 10.00
CA ILE A 107 -11.63 -11.66 10.39
C ILE A 107 -10.65 -11.45 9.24
N HIS A 108 -11.04 -11.86 8.03
CA HIS A 108 -10.19 -11.65 6.87
C HIS A 108 -10.04 -10.16 6.55
N TYR A 109 -11.10 -9.39 6.76
CA TYR A 109 -11.03 -7.95 6.52
C TYR A 109 -10.02 -7.29 7.45
N LYS A 110 -10.02 -7.68 8.73
CA LYS A 110 -9.09 -7.08 9.67
C LYS A 110 -7.67 -7.58 9.46
N PHE A 111 -7.51 -8.81 8.97
CA PHE A 111 -6.18 -9.35 8.72
C PHE A 111 -5.42 -8.49 7.71
N HIS A 112 -6.05 -8.18 6.58
CA HIS A 112 -5.40 -7.35 5.57
C HIS A 112 -5.30 -5.90 6.04
N ASN A 113 -6.36 -5.39 6.67
CA ASN A 113 -6.36 -3.99 7.09
C ASN A 113 -5.27 -3.71 8.12
N ILE A 114 -5.00 -4.67 9.00
CA ILE A 114 -3.90 -4.52 9.95
C ILE A 114 -2.56 -4.66 9.24
N LEU A 115 -2.48 -5.62 8.31
CA LEU A 115 -1.24 -5.83 7.56
C LEU A 115 -0.87 -4.65 6.67
N PHE A 116 -1.84 -3.82 6.29
CA PHE A 116 -1.61 -2.74 5.35
C PHE A 116 -1.51 -1.36 6.01
N LEU A 117 -2.26 -1.11 7.07
CA LEU A 117 -2.40 0.25 7.57
C LEU A 117 -2.03 0.42 9.04
N LYS A 118 -2.18 -0.64 9.84
CA LYS A 118 -2.08 -0.48 11.29
C LYS A 118 -0.96 -1.31 11.87
N CYS A 119 0.22 -1.23 11.25
CA CYS A 119 1.42 -1.88 11.74
C CYS A 119 2.61 -1.25 11.01
N GLU A 120 3.78 -1.37 11.62
CA GLU A 120 5.02 -0.82 11.07
C GLU A 120 5.86 -1.97 10.53
N HIS A 121 6.11 -1.95 9.21
CA HIS A 121 6.93 -2.97 8.56
C HIS A 121 8.39 -2.57 8.69
N THR A 122 8.93 -2.73 9.90
CA THR A 122 10.31 -2.40 10.20
C THR A 122 11.02 -3.64 10.75
N GLU A 123 12.34 -3.68 10.54
CA GLU A 123 13.12 -4.88 10.82
C GLU A 123 13.00 -5.32 12.28
N GLN A 124 12.72 -4.40 13.20
CA GLN A 124 12.56 -4.78 14.59
C GLN A 124 11.25 -5.52 14.83
N ASN A 125 10.24 -5.28 13.99
CA ASN A 125 8.96 -6.00 14.07
C ASN A 125 9.10 -7.33 13.33
N ALA A 126 9.81 -8.25 13.98
CA ALA A 126 10.14 -9.54 13.34
C ALA A 126 8.92 -10.39 13.04
N ALA A 127 7.75 -10.06 13.59
CA ALA A 127 6.54 -10.86 13.35
C ALA A 127 5.75 -10.36 12.15
N VAL A 128 5.73 -9.05 11.93
CA VAL A 128 4.98 -8.50 10.81
C VAL A 128 5.66 -8.85 9.48
N ILE A 129 6.98 -8.73 9.43
CA ILE A 129 7.71 -9.02 8.19
C ILE A 129 7.61 -10.51 7.87
N ALA A 130 7.69 -11.36 8.88
CA ALA A 130 7.56 -12.80 8.65
C ALA A 130 6.19 -13.14 8.10
N ILE A 131 5.14 -12.46 8.56
CA ILE A 131 3.80 -12.70 8.05
C ILE A 131 3.63 -12.09 6.66
N ALA A 132 4.21 -10.90 6.45
CA ALA A 132 4.05 -10.23 5.16
C ALA A 132 4.66 -11.03 4.02
N ARG A 133 5.76 -11.76 4.27
CA ARG A 133 6.35 -12.58 3.23
C ARG A 133 5.63 -13.91 3.08
N LYS A 134 5.04 -14.43 4.16
CA LYS A 134 4.22 -15.63 4.05
C LYS A 134 3.00 -15.38 3.19
N HIS A 135 2.37 -14.20 3.34
CA HIS A 135 1.25 -13.83 2.49
C HIS A 135 1.71 -13.56 1.06
N GLN A 136 2.96 -13.15 0.88
CA GLN A 136 3.48 -12.88 -0.45
C GLN A 136 3.80 -14.18 -1.19
N ALA A 137 4.46 -15.12 -0.51
CA ALA A 137 4.79 -16.39 -1.14
C ALA A 137 3.53 -17.17 -1.52
N ILE A 138 2.45 -16.99 -0.76
CA ILE A 138 1.18 -17.64 -1.11
C ILE A 138 0.69 -17.13 -2.46
N TRP A 139 0.68 -15.81 -2.63
CA TRP A 139 0.23 -15.23 -3.91
C TRP A 139 1.28 -15.40 -5.00
N ARG A 140 2.57 -15.37 -4.64
CA ARG A 140 3.61 -15.60 -5.64
C ARG A 140 3.49 -17.00 -6.24
N GLU A 141 3.27 -18.01 -5.40
CA GLU A 141 3.16 -19.38 -5.90
C GLU A 141 1.89 -19.57 -6.71
N LYS A 142 0.78 -18.97 -6.27
CA LYS A 142 -0.49 -19.18 -6.96
C LYS A 142 -0.50 -18.48 -8.32
N ILE A 143 0.05 -17.27 -8.40
CA ILE A 143 0.05 -16.54 -9.66
C ILE A 143 1.00 -17.18 -10.66
N THR A 144 2.17 -17.61 -10.20
CA THR A 144 3.11 -18.28 -11.09
C THR A 144 2.56 -19.62 -11.58
N ALA A 145 1.76 -20.30 -10.74
CA ALA A 145 1.20 -21.58 -11.12
C ALA A 145 0.02 -21.45 -12.08
N VAL A 146 -0.74 -20.35 -11.98
CA VAL A 146 -1.81 -20.13 -12.93
C VAL A 146 -1.26 -19.62 -14.25
N LEU A 147 -0.20 -18.80 -14.20
CA LEU A 147 0.37 -18.26 -15.41
C LEU A 147 1.08 -19.34 -16.23
N THR A 148 1.69 -20.33 -15.57
CA THR A 148 2.35 -21.39 -16.33
C THR A 148 1.32 -22.29 -17.02
N GLU A 149 0.19 -22.55 -16.36
CA GLU A 149 -0.86 -23.35 -16.98
C GLU A 149 -1.70 -22.55 -17.95
N ALA A 150 -1.57 -21.22 -17.96
CA ALA A 150 -2.38 -20.39 -18.85
C ALA A 150 -1.93 -20.52 -20.30
N VAL A 151 -0.62 -20.49 -20.53
CA VAL A 151 -0.10 -20.60 -21.90
C VAL A 151 -0.10 -22.05 -22.39
N GLU A 152 -0.07 -23.03 -21.49
CA GLU A 152 -0.30 -24.41 -21.89
C GLU A 152 -1.74 -24.65 -22.32
N ASN A 153 -2.58 -23.62 -22.29
CA ASN A 153 -3.96 -23.67 -22.74
C ASN A 153 -4.25 -22.67 -23.85
N GLN A 154 -3.24 -21.93 -24.31
CA GLN A 154 -3.37 -20.91 -25.35
C GLN A 154 -4.27 -19.74 -24.94
N ASP A 155 -4.44 -19.52 -23.64
CA ASP A 155 -5.21 -18.37 -23.18
C ASP A 155 -4.40 -17.09 -23.24
N LEU A 156 -3.13 -17.16 -22.88
CA LEU A 156 -2.19 -16.06 -23.01
C LEU A 156 -1.16 -16.37 -24.07
N ALA A 157 -0.48 -15.33 -24.55
CA ALA A 157 0.52 -15.50 -25.58
C ALA A 157 1.73 -16.26 -25.04
N ASP A 158 2.53 -16.79 -25.96
CA ASP A 158 3.68 -17.60 -25.57
C ASP A 158 4.89 -16.75 -25.25
N ASP A 159 5.01 -15.56 -25.84
CA ASP A 159 6.09 -14.62 -25.54
C ASP A 159 5.75 -13.70 -24.38
N LEU A 160 4.83 -14.12 -23.51
CA LEU A 160 4.44 -13.29 -22.38
C LEU A 160 5.58 -13.19 -21.38
N ASP A 161 5.83 -11.97 -20.90
CA ASP A 161 6.87 -11.73 -19.89
C ASP A 161 6.40 -12.24 -18.53
N LYS A 162 6.70 -13.50 -18.22
CA LYS A 162 6.24 -14.09 -16.96
C LYS A 162 6.83 -13.38 -15.75
N GLU A 163 8.04 -12.83 -15.87
CA GLU A 163 8.64 -12.12 -14.75
C GLU A 163 7.90 -10.82 -14.46
N THR A 164 7.68 -10.00 -15.49
CA THR A 164 6.95 -8.75 -15.32
C THR A 164 5.47 -8.98 -15.02
N ALA A 165 4.93 -10.14 -15.38
CA ALA A 165 3.49 -10.35 -15.28
C ALA A 165 3.04 -10.47 -13.84
N VAL A 166 3.75 -11.27 -13.03
CA VAL A 166 3.32 -11.45 -11.65
C VAL A 166 3.53 -10.18 -10.84
N ILE A 167 4.55 -9.39 -11.16
CA ILE A 167 4.68 -8.08 -10.55
C ILE A 167 3.53 -7.17 -10.98
N PHE A 168 3.16 -7.22 -12.26
CA PHE A 168 2.02 -6.45 -12.74
C PHE A 168 0.73 -6.91 -12.08
N ILE A 169 0.56 -8.22 -11.90
CA ILE A 169 -0.64 -8.75 -11.28
C ILE A 169 -0.72 -8.35 -9.82
N LYS A 170 0.36 -8.58 -9.07
CA LYS A 170 0.32 -8.37 -7.62
C LYS A 170 0.20 -6.90 -7.27
N SER A 171 0.86 -6.03 -8.03
CA SER A 171 0.79 -4.60 -7.74
C SER A 171 -0.60 -4.04 -7.99
N THR A 172 -1.25 -4.48 -9.08
CA THR A 172 -2.62 -4.04 -9.35
C THR A 172 -3.58 -4.56 -8.28
N LEU A 173 -3.34 -5.77 -7.77
CA LEU A 173 -4.18 -6.32 -6.71
C LEU A 173 -3.97 -5.56 -5.41
N ASP A 174 -2.71 -5.44 -4.97
CA ASP A 174 -2.42 -4.72 -3.74
C ASP A 174 -2.80 -3.25 -3.86
N GLY A 175 -2.73 -2.69 -5.06
CA GLY A 175 -3.10 -1.29 -5.25
C GLY A 175 -4.56 -1.03 -4.93
N LEU A 176 -5.44 -1.94 -5.36
CA LEU A 176 -6.85 -1.80 -5.03
C LEU A 176 -7.10 -1.96 -3.54
N ILE A 177 -6.35 -2.85 -2.89
CA ILE A 177 -6.55 -3.10 -1.47
C ILE A 177 -6.08 -1.91 -0.64
N TRP A 178 -4.88 -1.40 -0.94
CA TRP A 178 -4.38 -0.23 -0.22
C TRP A 178 -5.29 0.97 -0.44
N ARG A 179 -5.67 1.23 -1.68
CA ARG A 179 -6.50 2.39 -1.98
C ARG A 179 -7.86 2.28 -1.27
N TRP A 180 -8.42 1.07 -1.22
CA TRP A 180 -9.71 0.90 -0.55
C TRP A 180 -9.59 1.18 0.94
N PHE A 181 -8.56 0.63 1.58
CA PHE A 181 -8.35 0.88 3.00
C PHE A 181 -7.96 2.32 3.26
N SER A 182 -6.96 2.83 2.53
CA SER A 182 -6.47 4.18 2.76
C SER A 182 -7.56 5.22 2.50
N SER A 183 -8.50 4.92 1.60
CA SER A 183 -9.64 5.80 1.39
C SER A 183 -10.66 5.75 2.50
N GLY A 184 -10.49 4.86 3.48
CA GLY A 184 -11.53 4.63 4.46
C GLY A 184 -12.73 3.93 3.87
N GLU A 185 -12.50 2.98 2.95
CA GLU A 185 -13.57 2.28 2.24
C GLU A 185 -14.49 3.28 1.54
N SER A 186 -13.89 4.26 0.87
CA SER A 186 -14.65 5.37 0.29
C SER A 186 -15.44 4.96 -0.94
N PHE A 187 -15.12 3.84 -1.58
CA PHE A 187 -15.78 3.45 -2.82
C PHE A 187 -16.23 2.01 -2.74
N ASP A 188 -17.16 1.66 -3.63
CA ASP A 188 -17.76 0.33 -3.66
C ASP A 188 -16.73 -0.68 -4.15
N LEU A 189 -16.32 -1.60 -3.26
CA LEU A 189 -15.39 -2.64 -3.65
C LEU A 189 -16.07 -3.71 -4.50
N GLY A 190 -17.36 -3.95 -4.29
CA GLY A 190 -18.07 -4.95 -5.07
C GLY A 190 -18.23 -4.59 -6.53
N LYS A 191 -18.06 -3.31 -6.88
CA LYS A 191 -18.20 -2.86 -8.27
C LYS A 191 -16.89 -2.49 -8.93
N THR A 192 -15.92 -1.96 -8.17
CA THR A 192 -14.65 -1.57 -8.76
C THR A 192 -13.70 -2.75 -8.92
N ALA A 193 -13.75 -3.71 -8.00
CA ALA A 193 -12.92 -4.91 -8.14
C ALA A 193 -13.22 -5.69 -9.42
N PRO A 194 -14.48 -5.99 -9.78
CA PRO A 194 -14.70 -6.70 -11.04
C PRO A 194 -14.18 -5.95 -12.26
N ARG A 195 -14.31 -4.63 -12.27
CA ARG A 195 -13.86 -3.85 -13.42
C ARG A 195 -12.35 -3.90 -13.56
N ILE A 196 -11.61 -3.57 -12.49
CA ILE A 196 -10.16 -3.50 -12.58
C ILE A 196 -9.54 -4.88 -12.73
N ILE A 197 -10.21 -5.95 -12.29
CA ILE A 197 -9.69 -7.29 -12.50
C ILE A 197 -9.85 -7.70 -13.96
N GLY A 198 -10.99 -7.34 -14.57
CA GLY A 198 -11.18 -7.63 -15.98
C GLY A 198 -10.22 -6.85 -16.86
N ILE A 199 -9.90 -5.61 -16.46
CA ILE A 199 -8.94 -4.82 -17.21
C ILE A 199 -7.53 -5.37 -17.05
N MET A 200 -7.18 -5.80 -15.84
CA MET A 200 -5.86 -6.36 -15.60
C MET A 200 -5.63 -7.60 -16.45
N MET A 201 -6.66 -8.44 -16.60
CA MET A 201 -6.51 -9.66 -17.38
C MET A 201 -6.60 -9.40 -18.88
N ASP A 202 -7.34 -8.37 -19.29
CA ASP A 202 -7.36 -8.01 -20.71
C ASP A 202 -6.01 -7.48 -21.18
N ASN A 203 -5.20 -6.94 -20.26
CA ASN A 203 -3.87 -6.46 -20.61
C ASN A 203 -2.87 -7.61 -20.73
N LEU A 204 -3.02 -8.66 -19.91
CA LEU A 204 -2.16 -9.83 -20.04
C LEU A 204 -2.36 -10.52 -21.39
N GLU A 205 -3.58 -10.47 -21.92
CA GLU A 205 -3.88 -11.15 -23.17
C GLU A 205 -3.56 -10.31 -24.40
N ASN A 206 -3.60 -8.98 -24.28
CA ASN A 206 -3.52 -8.12 -25.45
C ASN A 206 -2.50 -7.01 -25.35
N HIS A 207 -1.90 -6.76 -24.19
CA HIS A 207 -1.01 -5.61 -24.30
C HIS A 207 0.38 -6.04 -24.76
N PRO A 208 0.97 -5.30 -25.71
CA PRO A 208 2.28 -5.71 -26.23
C PRO A 208 3.42 -5.51 -25.25
N CYS A 209 3.32 -4.52 -24.37
CA CYS A 209 4.39 -4.25 -23.41
C CYS A 209 4.47 -5.29 -22.29
N LEU A 210 3.62 -6.31 -22.32
CA LEU A 210 3.74 -7.46 -21.44
C LEU A 210 4.36 -8.66 -22.14
N ARG A 211 4.81 -8.48 -23.38
CA ARG A 211 5.56 -9.48 -24.10
C ARG A 211 7.06 -9.19 -23.98
N ARG A 212 7.86 -10.13 -24.48
CA ARG A 212 9.31 -9.98 -24.44
C ARG A 212 9.82 -9.16 -25.61
N GLU B 10 24.73 27.22 13.85
CA GLU B 10 23.54 27.30 14.68
C GLU B 10 22.36 27.88 13.88
N ALA B 11 21.39 28.44 14.60
CA ALA B 11 20.17 29.01 14.01
C ALA B 11 19.43 27.90 13.27
N LEU B 12 19.20 28.01 11.97
CA LEU B 12 18.49 26.97 11.24
C LEU B 12 19.33 25.71 11.02
N LYS B 13 20.64 25.77 11.28
CA LYS B 13 21.49 24.61 11.06
C LYS B 13 21.03 23.44 11.92
N THR B 14 20.80 23.67 13.21
CA THR B 14 20.34 22.60 14.08
C THR B 14 18.93 22.15 13.70
N LYS B 15 18.07 23.10 13.31
CA LYS B 15 16.73 22.73 12.85
C LYS B 15 16.80 21.79 11.65
N GLU B 16 17.58 22.16 10.64
CA GLU B 16 17.72 21.33 9.45
C GLU B 16 18.28 19.96 9.80
N HIS B 17 19.34 19.92 10.61
CA HIS B 17 19.94 18.64 10.98
C HIS B 17 19.03 17.83 11.88
N LEU B 18 18.21 18.48 12.71
CA LEU B 18 17.26 17.76 13.54
C LEU B 18 16.17 17.11 12.70
N MET B 19 15.72 17.79 11.64
CA MET B 19 14.65 17.25 10.81
C MET B 19 15.10 16.00 10.09
N LEU B 20 16.27 16.05 9.44
CA LEU B 20 16.75 14.91 8.67
C LEU B 20 17.17 13.76 9.58
N ALA B 21 17.74 14.06 10.75
CA ALA B 21 18.00 13.01 11.72
C ALA B 21 16.70 12.37 12.19
N ALA B 22 15.64 13.17 12.30
CA ALA B 22 14.33 12.61 12.61
C ALA B 22 13.81 11.76 11.45
N LEU B 23 14.03 12.20 10.22
CA LEU B 23 13.58 11.44 9.07
C LEU B 23 14.39 10.14 8.92
N GLU B 24 15.69 10.20 9.20
CA GLU B 24 16.53 9.01 9.10
C GLU B 24 16.14 7.96 10.15
N THR B 25 15.89 8.41 11.38
CA THR B 25 15.51 7.47 12.43
C THR B 25 14.11 6.91 12.20
N PHE B 26 13.21 7.71 11.64
CA PHE B 26 11.86 7.21 11.36
C PHE B 26 11.88 6.13 10.29
N TYR B 27 12.77 6.25 9.30
CA TYR B 27 12.80 5.28 8.21
C TYR B 27 13.41 3.95 8.65
N ARG B 28 14.37 3.99 9.58
CA ARG B 28 15.10 2.79 9.96
C ARG B 28 14.42 1.99 11.06
N LYS B 29 13.83 2.66 12.05
CA LYS B 29 13.25 1.99 13.21
C LYS B 29 11.79 2.36 13.41
N GLY B 30 11.11 2.77 12.34
CA GLY B 30 9.72 3.15 12.47
C GLY B 30 9.56 4.47 13.21
N ILE B 31 8.31 4.75 13.60
CA ILE B 31 7.96 5.96 14.30
C ILE B 31 7.57 5.69 15.75
N ALA B 32 6.86 4.60 16.01
CA ALA B 32 6.42 4.29 17.36
C ALA B 32 7.61 3.99 18.27
N ARG B 33 8.54 3.16 17.81
CA ARG B 33 9.70 2.77 18.61
C ARG B 33 10.81 3.81 18.59
N THR B 34 10.56 5.01 18.07
CA THR B 34 11.58 6.03 17.93
C THR B 34 11.40 7.08 19.02
N SER B 35 12.28 7.05 20.01
CA SER B 35 12.22 8.03 21.09
C SER B 35 12.74 9.38 20.61
N LEU B 36 12.27 10.44 21.27
CA LEU B 36 12.79 11.77 20.97
C LEU B 36 14.26 11.88 21.33
N ASN B 37 14.72 11.11 22.31
CA ASN B 37 16.16 11.07 22.62
C ASN B 37 16.94 10.46 21.47
N GLU B 38 16.40 9.40 20.85
CA GLU B 38 17.06 8.81 19.70
C GLU B 38 17.16 9.80 18.55
N ILE B 39 16.15 10.66 18.39
CA ILE B 39 16.23 11.73 17.41
C ILE B 39 17.34 12.70 17.80
N ALA B 40 17.48 12.99 19.09
CA ALA B 40 18.46 13.98 19.54
C ALA B 40 19.88 13.49 19.30
N GLN B 41 20.19 12.27 19.73
CA GLN B 41 21.53 11.74 19.53
C GLN B 41 21.75 11.18 18.13
N ALA B 42 20.69 11.09 17.31
CA ALA B 42 20.91 10.89 15.88
C ALA B 42 21.64 12.09 15.29
N ALA B 43 21.19 13.30 15.63
CA ALA B 43 21.97 14.51 15.40
C ALA B 43 22.98 14.64 16.54
N GLY B 44 23.61 15.80 16.68
CA GLY B 44 24.62 15.97 17.70
C GLY B 44 24.15 16.79 18.89
N VAL B 45 22.86 16.72 19.21
CA VAL B 45 22.30 17.58 20.25
C VAL B 45 21.55 16.75 21.28
N THR B 46 20.89 17.43 22.22
CA THR B 46 20.09 16.82 23.27
C THR B 46 18.62 17.13 23.01
N ARG B 47 17.75 16.57 23.86
CA ARG B 47 16.33 16.87 23.77
C ARG B 47 16.02 18.32 24.09
N GLY B 48 16.93 19.02 24.78
CA GLY B 48 16.74 20.44 25.01
C GLY B 48 16.76 21.25 23.74
N ALA B 49 17.53 20.81 22.74
CA ALA B 49 17.50 21.45 21.43
C ALA B 49 16.29 21.04 20.63
N LEU B 50 15.73 19.86 20.91
CA LEU B 50 14.52 19.41 20.22
C LEU B 50 13.30 20.18 20.70
N TYR B 51 13.14 20.31 22.01
CA TYR B 51 11.95 20.96 22.55
C TYR B 51 11.97 22.47 22.33
N TRP B 52 13.14 23.05 22.01
CA TRP B 52 13.15 24.46 21.67
C TRP B 52 12.64 24.70 20.26
N HIS B 53 12.97 23.82 19.32
CA HIS B 53 12.56 23.97 17.93
C HIS B 53 11.19 23.35 17.64
N PHE B 54 10.72 22.43 18.46
CA PHE B 54 9.47 21.73 18.21
C PHE B 54 8.73 21.52 19.54
N LYS B 55 7.40 21.55 19.46
CA LYS B 55 6.58 21.42 20.66
C LYS B 55 6.68 20.02 21.25
N ASN B 56 6.49 18.99 20.43
CA ASN B 56 6.56 17.61 20.90
C ASN B 56 6.82 16.71 19.70
N LYS B 57 6.56 15.41 19.86
CA LYS B 57 6.85 14.46 18.79
C LYS B 57 5.95 14.69 17.58
N GLU B 58 4.66 14.94 17.82
CA GLU B 58 3.75 15.18 16.71
C GLU B 58 4.10 16.48 15.97
N ASP B 59 4.49 17.52 16.72
CA ASP B 59 4.83 18.79 16.09
C ASP B 59 6.08 18.67 15.23
N LEU B 60 6.97 17.73 15.53
CA LEU B 60 8.13 17.52 14.70
C LEU B 60 7.79 16.70 13.46
N PHE B 61 7.04 15.61 13.64
CA PHE B 61 6.62 14.81 12.50
C PHE B 61 5.79 15.64 11.53
N ASP B 62 4.91 16.49 12.06
CA ASP B 62 4.09 17.34 11.20
C ASP B 62 4.95 18.37 10.47
N ALA B 63 5.85 19.04 11.19
CA ALA B 63 6.71 20.02 10.55
C ALA B 63 7.64 19.38 9.52
N LEU B 64 8.13 18.17 9.82
CA LEU B 64 9.00 17.47 8.87
C LEU B 64 8.24 17.06 7.63
N PHE B 65 7.13 16.35 7.80
CA PHE B 65 6.45 15.71 6.67
C PHE B 65 5.63 16.69 5.84
N GLN B 66 5.26 17.85 6.39
CA GLN B 66 4.52 18.82 5.59
C GLN B 66 5.42 19.52 4.59
N ARG B 67 6.62 19.95 5.02
CA ARG B 67 7.55 20.60 4.11
C ARG B 67 7.96 19.65 2.99
N ILE B 68 8.08 18.35 3.26
CA ILE B 68 8.38 17.39 2.21
C ILE B 68 7.20 17.25 1.27
N CYS B 69 5.99 17.13 1.83
CA CYS B 69 4.79 17.00 1.00
C CYS B 69 4.62 18.19 0.07
N ASP B 70 5.06 19.37 0.50
CA ASP B 70 5.01 20.54 -0.38
C ASP B 70 6.10 20.49 -1.44
N ASP B 71 7.26 19.91 -1.13
CA ASP B 71 8.32 19.80 -2.12
C ASP B 71 7.86 18.92 -3.29
N ILE B 72 7.21 17.80 -2.98
CA ILE B 72 6.80 16.86 -4.03
C ILE B 72 5.80 17.51 -4.98
N GLU B 73 4.91 18.36 -4.45
CA GLU B 73 3.99 19.07 -5.32
C GLU B 73 4.63 20.28 -5.99
N ASN B 74 5.77 20.75 -5.48
CA ASN B 74 6.54 21.76 -6.21
C ASN B 74 7.43 21.11 -7.27
N CYS B 75 7.98 19.93 -6.95
CA CYS B 75 8.71 19.16 -7.97
C CYS B 75 7.78 18.72 -9.09
N ILE B 76 6.51 18.44 -8.77
CA ILE B 76 5.53 18.15 -9.81
C ILE B 76 5.21 19.40 -10.60
N ALA B 77 4.87 20.49 -9.90
CA ALA B 77 4.50 21.73 -10.58
C ALA B 77 5.61 22.23 -11.49
N GLN B 78 6.87 22.01 -11.11
CA GLN B 78 7.98 22.39 -11.97
C GLN B 78 8.08 21.46 -13.17
N ASP B 79 8.15 20.15 -12.91
CA ASP B 79 8.34 19.17 -13.98
C ASP B 79 7.14 19.05 -14.92
N ALA B 80 6.01 19.66 -14.59
CA ALA B 80 4.80 19.50 -15.39
C ALA B 80 4.36 20.78 -16.11
N ALA B 81 4.69 21.96 -15.58
CA ALA B 81 4.13 23.19 -16.14
C ALA B 81 4.70 23.50 -17.51
N ASP B 82 6.01 23.35 -17.69
CA ASP B 82 6.63 23.67 -18.98
C ASP B 82 6.07 22.77 -20.07
N ALA B 83 5.00 23.23 -20.72
CA ALA B 83 4.29 22.45 -21.72
C ALA B 83 5.20 22.10 -22.90
N GLU B 84 5.70 20.87 -22.91
CA GLU B 84 6.54 20.34 -23.98
C GLU B 84 5.76 19.20 -24.64
N GLY B 85 4.76 19.57 -25.44
CA GLY B 85 3.96 18.58 -26.16
C GLY B 85 2.62 18.30 -25.52
N GLY B 86 1.70 19.25 -25.61
CA GLY B 86 0.35 19.02 -25.13
C GLY B 86 0.25 18.98 -23.61
N SER B 87 -0.64 18.11 -23.13
CA SER B 87 -0.89 17.98 -21.70
C SER B 87 -1.03 16.51 -21.31
N TRP B 88 -1.75 15.74 -22.14
CA TRP B 88 -1.88 14.31 -21.88
C TRP B 88 -0.55 13.61 -22.01
N THR B 89 0.26 13.97 -23.00
CA THR B 89 1.60 13.42 -23.12
C THR B 89 2.54 14.03 -22.09
N VAL B 90 2.26 15.26 -21.65
CA VAL B 90 3.06 15.86 -20.59
C VAL B 90 2.78 15.18 -19.25
N PHE B 91 1.51 14.82 -19.01
CA PHE B 91 1.17 14.08 -17.80
C PHE B 91 1.93 12.76 -17.73
N ARG B 92 2.27 12.18 -18.87
CA ARG B 92 3.11 10.98 -18.90
C ARG B 92 4.48 11.27 -18.30
N HIS B 93 5.09 12.39 -18.70
CA HIS B 93 6.39 12.75 -18.16
C HIS B 93 6.32 13.20 -16.71
N THR B 94 5.16 13.64 -16.24
CA THR B 94 5.02 14.02 -14.84
C THR B 94 5.10 12.81 -13.93
N LEU B 95 4.48 11.70 -14.33
CA LEU B 95 4.46 10.52 -13.48
C LEU B 95 5.80 9.81 -13.45
N LEU B 96 6.55 9.83 -14.55
CA LEU B 96 7.82 9.14 -14.59
C LEU B 96 8.92 9.92 -13.88
N HIS B 97 8.90 11.25 -13.98
CA HIS B 97 9.80 12.05 -13.15
C HIS B 97 9.51 11.84 -11.67
N PHE B 98 8.27 11.53 -11.32
CA PHE B 98 7.93 11.21 -9.95
C PHE B 98 8.56 9.89 -9.51
N PHE B 99 8.42 8.85 -10.33
CA PHE B 99 9.01 7.56 -9.99
C PHE B 99 10.53 7.59 -10.11
N GLU B 100 11.07 8.46 -10.97
CA GLU B 100 12.51 8.64 -11.01
C GLU B 100 13.01 9.31 -9.74
N ARG B 101 12.28 10.31 -9.24
CA ARG B 101 12.61 10.91 -7.95
C ARG B 101 12.42 9.93 -6.80
N LEU B 102 11.57 8.91 -6.97
CA LEU B 102 11.38 7.91 -5.94
C LEU B 102 12.67 7.12 -5.66
N GLN B 103 13.60 7.09 -6.62
CA GLN B 103 14.86 6.40 -6.46
CA GLN B 103 14.86 6.40 -6.46
C GLN B 103 16.03 7.34 -6.20
N SER B 104 16.06 8.48 -6.89
CA SER B 104 17.17 9.42 -6.74
C SER B 104 17.00 10.33 -5.53
N ASN B 105 15.84 10.96 -5.40
CA ASN B 105 15.59 11.90 -4.31
C ASN B 105 15.47 11.13 -2.99
N ASP B 106 16.49 11.26 -2.13
CA ASP B 106 16.52 10.50 -0.89
C ASP B 106 15.42 10.95 0.07
N ILE B 107 15.13 12.24 0.10
CA ILE B 107 14.08 12.75 1.00
C ILE B 107 12.71 12.29 0.53
N HIS B 108 12.45 12.38 -0.77
CA HIS B 108 11.16 11.93 -1.31
C HIS B 108 11.01 10.43 -1.22
N TYR B 109 12.11 9.68 -1.25
CA TYR B 109 12.04 8.24 -1.13
C TYR B 109 11.59 7.82 0.26
N LYS B 110 12.24 8.36 1.30
CA LYS B 110 11.88 8.00 2.66
C LYS B 110 10.49 8.48 3.03
N PHE B 111 10.06 9.63 2.49
CA PHE B 111 8.73 10.15 2.78
C PHE B 111 7.65 9.12 2.44
N HIS B 112 7.77 8.47 1.28
CA HIS B 112 6.77 7.48 0.90
C HIS B 112 6.99 6.16 1.63
N ASN B 113 8.24 5.74 1.79
CA ASN B 113 8.52 4.50 2.50
C ASN B 113 7.99 4.54 3.93
N ILE B 114 8.09 5.70 4.58
CA ILE B 114 7.57 5.81 5.94
C ILE B 114 6.05 5.86 5.92
N LEU B 115 5.46 6.60 4.99
CA LEU B 115 4.02 6.74 4.94
C LEU B 115 3.32 5.43 4.60
N PHE B 116 4.01 4.53 3.90
CA PHE B 116 3.42 3.26 3.46
C PHE B 116 3.72 2.10 4.40
N LEU B 117 4.93 2.04 4.96
CA LEU B 117 5.36 0.87 5.71
C LEU B 117 5.77 1.16 7.15
N LYS B 118 6.25 2.36 7.46
CA LYS B 118 6.93 2.62 8.72
C LYS B 118 6.08 3.40 9.71
N CYS B 119 4.77 3.49 9.50
CA CYS B 119 3.89 4.17 10.45
C CYS B 119 2.52 3.52 10.42
N GLU B 120 1.75 3.76 11.48
CA GLU B 120 0.44 3.17 11.65
C GLU B 120 -0.64 4.23 11.40
N HIS B 121 -1.63 3.88 10.58
CA HIS B 121 -2.71 4.79 10.22
C HIS B 121 -3.90 4.56 11.16
N THR B 122 -3.80 5.14 12.35
CA THR B 122 -4.86 5.06 13.35
C THR B 122 -5.25 6.47 13.77
N GLU B 123 -6.54 6.65 14.07
CA GLU B 123 -7.05 7.98 14.41
C GLU B 123 -6.29 8.61 15.57
N GLN B 124 -5.68 7.80 16.44
CA GLN B 124 -4.95 8.35 17.58
C GLN B 124 -3.73 9.13 17.16
N ASN B 125 -3.07 8.72 16.07
CA ASN B 125 -1.94 9.48 15.53
C ASN B 125 -2.48 10.37 14.41
N ALA B 126 -3.07 11.49 14.83
CA ALA B 126 -3.73 12.38 13.88
C ALA B 126 -2.76 13.01 12.88
N ALA B 127 -1.46 12.98 13.17
CA ALA B 127 -0.50 13.65 12.28
C ALA B 127 -0.30 12.89 10.98
N VAL B 128 -0.35 11.56 11.01
CA VAL B 128 -0.04 10.78 9.80
C VAL B 128 -1.21 10.80 8.83
N ILE B 129 -2.45 10.72 9.33
CA ILE B 129 -3.58 10.78 8.42
C ILE B 129 -3.76 12.20 7.89
N ALA B 130 -3.41 13.20 8.68
CA ALA B 130 -3.40 14.58 8.18
C ALA B 130 -2.46 14.70 6.98
N ILE B 131 -1.33 13.99 7.01
CA ILE B 131 -0.43 13.97 5.86
C ILE B 131 -0.95 13.00 4.81
N ALA B 132 -1.52 11.87 5.23
CA ALA B 132 -2.08 10.92 4.28
C ALA B 132 -3.26 11.52 3.53
N ARG B 133 -4.14 12.24 4.22
CA ARG B 133 -5.23 12.92 3.53
C ARG B 133 -4.72 14.03 2.63
N LYS B 134 -3.69 14.75 3.09
CA LYS B 134 -3.13 15.83 2.28
C LYS B 134 -2.35 15.30 1.08
N HIS B 135 -1.71 14.14 1.22
CA HIS B 135 -1.07 13.52 0.08
C HIS B 135 -2.09 13.07 -0.96
N GLN B 136 -3.21 12.53 -0.50
CA GLN B 136 -4.27 12.12 -1.43
C GLN B 136 -4.93 13.33 -2.07
N ALA B 137 -5.10 14.42 -1.31
CA ALA B 137 -5.74 15.61 -1.85
C ALA B 137 -4.91 16.27 -2.94
N ILE B 138 -3.58 16.09 -2.88
CA ILE B 138 -2.71 16.67 -3.89
C ILE B 138 -2.87 15.92 -5.22
N TRP B 139 -2.83 14.59 -5.16
CA TRP B 139 -2.86 13.79 -6.38
C TRP B 139 -4.24 13.87 -7.04
N ARG B 140 -5.29 13.60 -6.28
CA ARG B 140 -6.64 13.66 -6.83
C ARG B 140 -6.94 14.97 -7.53
N GLU B 141 -6.41 16.09 -7.03
CA GLU B 141 -6.64 17.36 -7.71
C GLU B 141 -5.87 17.44 -9.02
N LYS B 142 -4.63 16.94 -9.03
CA LYS B 142 -3.84 16.96 -10.26
C LYS B 142 -4.40 15.98 -11.28
N ILE B 143 -4.98 14.86 -10.84
CA ILE B 143 -5.52 13.88 -11.77
C ILE B 143 -6.78 14.40 -12.41
N THR B 144 -7.71 14.94 -11.61
CA THR B 144 -8.94 15.48 -12.17
C THR B 144 -8.67 16.67 -13.09
N ALA B 145 -7.61 17.43 -12.82
CA ALA B 145 -7.28 18.57 -13.66
C ALA B 145 -6.85 18.11 -15.05
N VAL B 146 -5.95 17.12 -15.12
CA VAL B 146 -5.45 16.65 -16.42
C VAL B 146 -6.44 15.75 -17.14
N LEU B 147 -7.46 15.25 -16.44
CA LEU B 147 -8.48 14.44 -17.10
C LEU B 147 -9.45 15.30 -17.90
N THR B 148 -9.82 16.46 -17.36
CA THR B 148 -10.74 17.35 -18.06
C THR B 148 -10.06 18.02 -19.25
N GLU B 149 -8.85 18.56 -19.05
CA GLU B 149 -8.13 19.20 -20.13
C GLU B 149 -7.71 18.23 -21.23
N ALA B 150 -7.77 16.93 -20.98
CA ALA B 150 -7.53 15.92 -22.01
C ALA B 150 -8.80 15.57 -22.78
N VAL B 151 -9.95 15.60 -22.12
CA VAL B 151 -11.23 15.42 -22.81
C VAL B 151 -11.61 16.69 -23.55
N GLU B 152 -11.37 17.86 -22.94
CA GLU B 152 -11.52 19.14 -23.60
C GLU B 152 -10.56 19.30 -24.78
N ASN B 153 -9.66 18.34 -24.98
CA ASN B 153 -8.72 18.35 -26.09
C ASN B 153 -8.86 17.09 -26.95
N GLN B 154 -9.82 16.24 -26.61
CA GLN B 154 -10.12 15.01 -27.35
C GLN B 154 -8.95 14.03 -27.33
N ASP B 155 -8.08 14.14 -26.33
CA ASP B 155 -7.04 13.14 -26.13
C ASP B 155 -7.60 11.84 -25.57
N LEU B 156 -8.67 11.93 -24.78
CA LEU B 156 -9.41 10.80 -24.28
C LEU B 156 -10.85 10.88 -24.80
N ALA B 157 -11.69 9.96 -24.33
CA ALA B 157 -13.05 9.91 -24.83
C ALA B 157 -13.90 11.05 -24.26
N ASP B 158 -15.12 11.17 -24.79
CA ASP B 158 -16.09 12.12 -24.26
C ASP B 158 -16.81 11.56 -23.04
N ASP B 159 -17.22 10.29 -23.09
CA ASP B 159 -17.97 9.66 -22.00
C ASP B 159 -17.07 8.92 -21.03
N LEU B 160 -15.92 9.49 -20.68
CA LEU B 160 -14.99 8.84 -19.76
C LEU B 160 -15.52 8.92 -18.33
N ASP B 161 -15.67 7.76 -17.69
CA ASP B 161 -16.07 7.69 -16.28
C ASP B 161 -14.91 8.18 -15.43
N LYS B 162 -14.82 9.50 -15.27
CA LYS B 162 -13.65 10.07 -14.62
C LYS B 162 -13.61 9.76 -13.13
N GLU B 163 -14.76 9.59 -12.49
CA GLU B 163 -14.77 9.17 -11.09
C GLU B 163 -14.15 7.79 -10.93
N THR B 164 -14.46 6.87 -11.85
CA THR B 164 -13.78 5.58 -11.87
C THR B 164 -12.33 5.73 -12.31
N ALA B 165 -12.08 6.65 -13.25
CA ALA B 165 -10.73 6.80 -13.79
C ALA B 165 -9.76 7.35 -12.75
N VAL B 166 -10.20 8.34 -11.96
CA VAL B 166 -9.31 8.90 -10.94
C VAL B 166 -8.98 7.87 -9.88
N ILE B 167 -9.96 7.04 -9.51
CA ILE B 167 -9.69 5.92 -8.61
C ILE B 167 -8.76 4.93 -9.30
N PHE B 168 -9.01 4.65 -10.57
CA PHE B 168 -8.19 3.70 -11.32
C PHE B 168 -6.74 4.17 -11.40
N ILE B 169 -6.51 5.46 -11.63
CA ILE B 169 -5.15 5.95 -11.83
C ILE B 169 -4.31 5.73 -10.56
N LYS B 170 -4.67 6.41 -9.47
CA LYS B 170 -3.84 6.34 -8.28
C LYS B 170 -3.85 4.95 -7.63
N SER B 171 -4.88 4.13 -7.88
CA SER B 171 -4.88 2.77 -7.35
C SER B 171 -3.72 1.97 -7.90
N THR B 172 -3.51 2.02 -9.22
CA THR B 172 -2.42 1.27 -9.82
C THR B 172 -1.06 1.89 -9.48
N LEU B 173 -1.00 3.21 -9.39
CA LEU B 173 0.28 3.83 -9.03
C LEU B 173 0.62 3.61 -7.56
N ASP B 174 -0.38 3.49 -6.69
CA ASP B 174 -0.10 3.20 -5.29
C ASP B 174 0.38 1.75 -5.13
N GLY B 175 -0.19 0.84 -5.91
CA GLY B 175 0.22 -0.56 -5.83
C GLY B 175 1.64 -0.78 -6.28
N LEU B 176 2.08 -0.05 -7.31
CA LEU B 176 3.47 -0.12 -7.72
C LEU B 176 4.38 0.41 -6.62
N ILE B 177 4.01 1.54 -6.01
CA ILE B 177 4.77 2.07 -4.88
C ILE B 177 4.79 1.07 -3.73
N TRP B 178 3.62 0.52 -3.41
CA TRP B 178 3.53 -0.45 -2.32
C TRP B 178 4.30 -1.73 -2.65
N ARG B 179 4.15 -2.23 -3.88
CA ARG B 179 4.83 -3.46 -4.25
C ARG B 179 6.35 -3.28 -4.24
N TRP B 180 6.83 -2.13 -4.71
CA TRP B 180 8.27 -1.89 -4.75
C TRP B 180 8.84 -1.81 -3.33
N PHE B 181 8.17 -1.08 -2.45
CA PHE B 181 8.64 -0.95 -1.07
C PHE B 181 8.53 -2.27 -0.33
N SER B 182 7.36 -2.93 -0.41
CA SER B 182 7.14 -4.15 0.34
C SER B 182 8.05 -5.27 -0.11
N SER B 183 8.39 -5.31 -1.40
CA SER B 183 9.33 -6.29 -1.91
C SER B 183 10.78 -5.97 -1.54
N GLY B 184 11.02 -4.87 -0.82
CA GLY B 184 12.38 -4.47 -0.53
C GLY B 184 13.14 -4.04 -1.77
N GLU B 185 12.46 -3.40 -2.72
CA GLU B 185 13.06 -2.99 -3.99
C GLU B 185 13.65 -4.18 -4.72
N SER B 186 12.85 -5.25 -4.84
CA SER B 186 13.31 -6.49 -5.45
C SER B 186 13.39 -6.41 -6.97
N PHE B 187 12.67 -5.48 -7.59
CA PHE B 187 12.69 -5.32 -9.05
C PHE B 187 13.13 -3.92 -9.43
N ASP B 188 13.36 -3.72 -10.72
CA ASP B 188 13.86 -2.47 -11.25
C ASP B 188 12.68 -1.51 -11.49
N LEU B 189 12.61 -0.46 -10.67
CA LEU B 189 11.58 0.55 -10.86
C LEU B 189 11.83 1.40 -12.10
N GLY B 190 13.07 1.43 -12.60
CA GLY B 190 13.36 2.22 -13.78
C GLY B 190 12.81 1.61 -15.06
N LYS B 191 12.66 0.30 -15.10
CA LYS B 191 12.11 -0.38 -16.26
C LYS B 191 10.66 -0.82 -16.08
N THR B 192 10.19 -0.93 -14.84
CA THR B 192 8.83 -1.36 -14.57
C THR B 192 7.85 -0.20 -14.57
N ALA B 193 8.20 0.92 -13.92
CA ALA B 193 7.30 2.07 -13.87
C ALA B 193 6.92 2.59 -15.24
N PRO B 194 7.85 2.78 -16.20
CA PRO B 194 7.40 3.18 -17.54
C PRO B 194 6.45 2.19 -18.18
N ARG B 195 6.67 0.89 -17.96
CA ARG B 195 5.75 -0.12 -18.47
C ARG B 195 4.38 0.01 -17.83
N ILE B 196 4.35 0.14 -16.50
CA ILE B 196 3.07 0.22 -15.79
C ILE B 196 2.33 1.50 -16.17
N ILE B 197 3.06 2.60 -16.33
CA ILE B 197 2.42 3.87 -16.69
C ILE B 197 1.89 3.80 -18.10
N GLY B 198 2.62 3.17 -19.01
CA GLY B 198 2.16 3.06 -20.38
C GLY B 198 0.91 2.21 -20.50
N ILE B 199 0.87 1.07 -19.79
CA ILE B 199 -0.32 0.23 -19.80
C ILE B 199 -1.51 0.97 -19.21
N MET B 200 -1.26 1.77 -18.17
CA MET B 200 -2.34 2.48 -17.50
C MET B 200 -2.97 3.53 -18.41
N MET B 201 -2.14 4.38 -19.03
CA MET B 201 -2.67 5.43 -19.88
C MET B 201 -3.27 4.87 -21.16
N ASP B 202 -2.82 3.70 -21.61
CA ASP B 202 -3.43 3.08 -22.77
C ASP B 202 -4.83 2.57 -22.47
N ASN B 203 -5.08 2.12 -21.24
CA ASN B 203 -6.42 1.68 -20.88
C ASN B 203 -7.38 2.86 -20.77
N LEU B 204 -6.91 3.99 -20.24
CA LEU B 204 -7.71 5.21 -20.25
C LEU B 204 -8.06 5.64 -21.66
N GLU B 205 -7.16 5.38 -22.62
CA GLU B 205 -7.40 5.75 -24.01
C GLU B 205 -8.28 4.74 -24.73
N ASN B 206 -8.24 3.48 -24.33
CA ASN B 206 -8.79 2.43 -25.18
C ASN B 206 -9.82 1.53 -24.49
N HIS B 207 -9.62 1.19 -23.22
CA HIS B 207 -10.46 0.16 -22.61
C HIS B 207 -11.87 0.69 -22.40
N PRO B 208 -12.90 -0.06 -22.80
CA PRO B 208 -14.27 0.44 -22.75
C PRO B 208 -14.88 0.48 -21.34
N CYS B 209 -14.47 -0.44 -20.47
CA CYS B 209 -15.04 -0.49 -19.12
C CYS B 209 -14.58 0.67 -18.23
N LEU B 210 -13.80 1.62 -18.76
CA LEU B 210 -13.48 2.87 -18.08
C LEU B 210 -14.45 3.99 -18.44
N ARG B 211 -15.58 3.66 -19.07
CA ARG B 211 -16.55 4.65 -19.49
C ARG B 211 -17.96 4.15 -19.18
N ARG B 212 -18.94 5.00 -19.45
CA ARG B 212 -20.33 4.73 -19.10
C ARG B 212 -21.09 4.07 -20.25
#